data_4FUJ
#
_entry.id   4FUJ
#
_cell.length_a   54.700
_cell.length_b   52.600
_cell.length_c   79.700
_cell.angle_alpha   90.000
_cell.angle_beta   90.000
_cell.angle_gamma   90.000
#
_symmetry.space_group_name_H-M   'P 21 21 21'
#
loop_
_entity.id
_entity.type
_entity.pdbx_description
1 polymer 'Urokinase-type plasminogen activator'
2 non-polymer 6-{(E)-2-[3-(2-hydroxyethyl)phenyl]ethenyl}naphthalene-2-carboximidamide
3 non-polymer 'SUCCINIC ACID'
4 non-polymer 'SULFATE ION'
5 non-polymer 'ACETATE ION'
6 non-polymer GLYCEROL
7 water water
#
_entity_poly.entity_id   1
_entity_poly.type   'polypeptide(L)'
_entity_poly.pdbx_seq_one_letter_code
;IIGGEFTTIENQPWFAAIYRRHRGGSVTYVCGGSLISPCWVISATHCFIDYPKKEDYIVYLGRSRLNSNTQGEMKFEVEN
LILHKDYSADTLAHHNDIALLKIRSKEGRCAQPSRTIQTIALPSMYNDPQFGTSCEITGFGKEQSTDYLYPEQLKMTVVK
LISHRECQQPHYYGSEVTTKMLCAADPQWKTDSCQGDSGGPLVCSLQGRMTLTGIVSWGRGCALKDKPGVYTRVSHFLPW
IRSHTK
;
_entity_poly.pdbx_strand_id   A
#
loop_
_chem_comp.id
_chem_comp.type
_chem_comp.name
_chem_comp.formula
1U9 non-polymer 6-{(E)-2-[3-(2-hydroxyethyl)phenyl]ethenyl}naphthalene-2-carboximidamide 'C21 H20 N2 O'
ACT non-polymer 'ACETATE ION' 'C2 H3 O2 -1'
GOL non-polymer GLYCEROL 'C3 H8 O3'
SIN non-polymer 'SUCCINIC ACID' 'C4 H6 O4'
SO4 non-polymer 'SULFATE ION' 'O4 S -2'
#
# COMPACT_ATOMS: atom_id res chain seq x y z
N ILE A 1 -9.19 1.27 -6.63
CA ILE A 1 -9.25 -0.04 -7.30
C ILE A 1 -10.31 -0.02 -8.40
N ILE A 2 -9.88 -0.32 -9.62
CA ILE A 2 -10.71 -0.41 -10.83
C ILE A 2 -11.23 -1.83 -10.82
N GLY A 3 -12.55 -2.00 -10.94
CA GLY A 3 -13.17 -3.30 -10.94
C GLY A 3 -13.05 -3.91 -9.56
N GLY A 4 -12.89 -5.22 -9.50
CA GLY A 4 -12.77 -5.90 -8.22
C GLY A 4 -14.08 -5.99 -7.49
N GLU A 5 -14.01 -5.99 -6.16
CA GLU A 5 -15.20 -6.09 -5.32
CA GLU A 5 -15.18 -6.15 -5.27
C GLU A 5 -15.11 -5.17 -4.13
N PHE A 6 -16.26 -4.87 -3.52
CA PHE A 6 -16.29 -4.11 -2.29
C PHE A 6 -15.98 -5.15 -1.22
N THR A 7 -15.33 -4.72 -0.12
CA THR A 7 -14.93 -5.63 0.94
C THR A 7 -15.08 -4.89 2.25
N THR A 8 -14.71 -5.54 3.36
CA THR A 8 -14.71 -4.93 4.68
C THR A 8 -13.37 -5.18 5.33
N ILE A 9 -13.03 -4.39 6.36
CA ILE A 9 -11.77 -4.55 7.07
C ILE A 9 -11.51 -5.95 7.63
N GLU A 10 -12.57 -6.73 8.04
CA GLU A 10 -12.35 -8.08 8.57
C GLU A 10 -11.64 -8.99 7.58
N ASN A 11 -11.76 -8.70 6.27
CA ASN A 11 -11.08 -9.53 5.27
C ASN A 11 -9.68 -9.05 4.95
N GLN A 12 -9.33 -7.81 5.37
CA GLN A 12 -8.04 -7.16 5.12
CA GLN A 12 -7.98 -7.24 5.16
C GLN A 12 -7.58 -6.51 6.44
N PRO A 13 -7.41 -7.26 7.57
CA PRO A 13 -7.16 -6.61 8.89
C PRO A 13 -5.85 -5.88 9.14
N TRP A 14 -4.90 -6.09 8.26
CA TRP A 14 -3.60 -5.42 8.24
C TRP A 14 -3.75 -4.07 7.51
N PHE A 15 -4.89 -3.83 6.84
CA PHE A 15 -5.04 -2.59 6.09
C PHE A 15 -5.12 -1.31 6.91
N ALA A 16 -4.20 -0.36 6.63
CA ALA A 16 -4.16 0.95 7.29
C ALA A 16 -4.63 2.02 6.32
N ALA A 17 -5.53 2.87 6.82
CA ALA A 17 -6.13 4.00 6.13
C ALA A 17 -5.43 5.28 6.62
N ILE A 18 -4.67 5.94 5.71
CA ILE A 18 -3.87 7.12 6.07
C ILE A 18 -4.45 8.42 5.50
N TYR A 19 -4.68 9.39 6.38
CA TYR A 19 -5.26 10.69 6.05
C TYR A 19 -4.35 11.80 6.48
N ARG A 20 -4.58 12.98 5.94
CA ARG A 20 -3.81 14.18 6.23
C ARG A 20 -4.73 15.30 6.67
N ARG A 21 -4.32 15.97 7.76
CA ARG A 21 -5.02 17.12 8.30
CA ARG A 21 -4.96 17.13 8.38
C ARG A 21 -4.42 18.35 7.63
N HIS A 22 -5.29 19.20 7.12
CA HIS A 22 -4.86 20.42 6.43
C HIS A 22 -5.05 21.59 7.36
N ARG A 23 -4.38 22.74 7.10
CA ARG A 23 -4.61 23.96 7.88
C ARG A 23 -6.09 24.32 7.72
N GLY A 24 -6.75 24.64 8.83
CA GLY A 24 -8.18 24.91 8.81
C GLY A 24 -8.98 23.76 9.36
N GLY A 25 -8.34 22.59 9.45
CA GLY A 25 -8.92 21.40 10.06
C GLY A 25 -9.56 20.35 9.18
N SER A 26 -9.54 20.54 7.85
CA SER A 26 -10.14 19.55 6.96
C SER A 26 -9.18 18.36 6.83
N VAL A 27 -9.76 17.17 6.75
CA VAL A 27 -9.03 15.92 6.66
C VAL A 27 -9.36 15.24 5.31
N THR A 28 -8.32 14.85 4.57
CA THR A 28 -8.48 14.14 3.30
C THR A 28 -7.69 12.84 3.31
N TYR A 29 -8.17 11.85 2.53
CA TYR A 29 -7.51 10.56 2.42
C TYR A 29 -6.22 10.69 1.61
N VAL A 30 -5.14 10.01 2.01
CA VAL A 30 -3.85 10.13 1.29
C VAL A 30 -3.52 8.85 0.58
N CYS A 31 -3.30 7.78 1.36
CA CYS A 31 -2.85 6.51 0.83
C CYS A 31 -3.23 5.40 1.79
N GLY A 32 -2.95 4.19 1.36
CA GLY A 32 -3.12 2.97 2.15
C GLY A 32 -1.79 2.63 2.78
N GLY A 33 -1.84 1.64 3.65
CA GLY A 33 -0.70 1.16 4.41
C GLY A 33 -0.96 -0.24 4.91
N SER A 34 0.08 -0.88 5.49
CA SER A 34 -0.03 -2.23 6.02
C SER A 34 0.60 -2.30 7.40
N LEU A 35 -0.11 -2.89 8.34
CA LEU A 35 0.40 -3.08 9.69
C LEU A 35 1.39 -4.27 9.68
N ILE A 36 2.67 -4.03 9.97
CA ILE A 36 3.68 -5.11 9.97
C ILE A 36 4.05 -5.60 11.38
N SER A 37 3.79 -4.76 12.37
CA SER A 37 3.98 -5.05 13.80
C SER A 37 3.06 -4.05 14.51
N PRO A 38 2.65 -4.26 15.78
CA PRO A 38 1.68 -3.32 16.40
C PRO A 38 1.98 -1.81 16.35
N CYS A 39 3.27 -1.42 16.33
CA CYS A 39 3.70 -0.01 16.32
C CYS A 39 4.04 0.48 14.93
N TRP A 40 4.05 -0.40 13.92
CA TRP A 40 4.55 -0.04 12.61
C TRP A 40 3.68 -0.31 11.40
N VAL A 41 3.44 0.74 10.65
CA VAL A 41 2.72 0.69 9.39
C VAL A 41 3.73 0.92 8.28
N ILE A 42 3.69 0.06 7.26
CA ILE A 42 4.54 0.25 6.08
C ILE A 42 3.66 0.78 4.91
N SER A 43 4.21 1.74 4.17
CA SER A 43 3.50 2.40 3.07
C SER A 43 4.55 2.81 2.01
N ALA A 44 4.24 3.81 1.17
CA ALA A 44 5.12 4.29 0.10
C ALA A 44 5.59 5.70 0.41
N THR A 45 6.88 6.00 0.21
CA THR A 45 7.40 7.34 0.44
C THR A 45 6.70 8.41 -0.45
N HIS A 46 6.32 8.07 -1.70
CA HIS A 46 5.69 9.07 -2.58
C HIS A 46 4.43 9.70 -2.00
N CYS A 47 3.78 9.01 -1.05
CA CYS A 47 2.55 9.45 -0.39
C CYS A 47 2.84 10.62 0.56
N PHE A 48 4.09 10.75 1.05
CA PHE A 48 4.43 11.72 2.11
C PHE A 48 5.52 12.73 1.79
N ILE A 49 6.30 12.46 0.74
CA ILE A 49 7.46 13.27 0.35
C ILE A 49 7.21 14.78 0.22
N ASP A 50 6.04 15.18 -0.28
CA ASP A 50 5.71 16.60 -0.44
C ASP A 50 5.10 17.23 0.82
N TYR A 51 4.68 16.41 1.80
CA TYR A 51 4.11 16.91 3.05
C TYR A 51 4.74 16.05 4.15
N PRO A 52 6.05 16.24 4.43
CA PRO A 52 6.74 15.33 5.34
C PRO A 52 6.64 15.60 6.83
N LYS A 53 5.57 16.27 7.27
CA LYS A 53 5.36 16.59 8.69
C LYS A 53 4.55 15.48 9.28
N LYS A 54 5.15 14.72 10.18
CA LYS A 54 4.49 13.58 10.83
C LYS A 54 3.19 13.94 11.57
N GLU A 55 3.08 15.17 12.13
CA GLU A 55 1.94 15.64 12.93
CA GLU A 55 1.92 15.57 12.93
C GLU A 55 0.65 15.73 12.09
N ASP A 56 0.80 15.91 10.76
CA ASP A 56 -0.32 16.08 9.83
C ASP A 56 -1.12 14.84 9.56
N TYR A 57 -0.54 13.67 9.82
CA TYR A 57 -1.15 12.40 9.47
C TYR A 57 -1.96 11.73 10.54
N ILE A 58 -3.05 11.08 10.09
CA ILE A 58 -3.95 10.27 10.91
C ILE A 58 -3.98 8.88 10.29
N VAL A 59 -3.75 7.85 11.10
CA VAL A 59 -3.77 6.45 10.66
C VAL A 59 -4.88 5.74 11.36
N TYR A 60 -5.71 5.03 10.58
CA TYR A 60 -6.74 4.20 11.17
C TYR A 60 -6.45 2.75 10.83
N LEU A 61 -6.75 1.89 11.79
CA LEU A 61 -6.73 0.45 11.65
C LEU A 61 -8.15 0.00 11.98
N GLY A 62 -8.61 -1.09 11.37
CA GLY A 62 -9.95 -1.62 11.59
C GLY A 62 -11.07 -0.75 11.04
N ARG A 63 -10.74 0.11 10.07
CA ARG A 63 -11.65 1.02 9.40
C ARG A 63 -12.04 0.45 8.03
N SER A 64 -13.35 0.30 7.78
CA SER A 64 -13.89 -0.30 6.54
C SER A 64 -14.40 0.73 5.54
N ARG A 65 -14.69 1.92 6.01
CA ARG A 65 -15.27 2.99 5.22
C ARG A 65 -14.49 4.27 5.36
N LEU A 66 -14.44 5.03 4.27
CA LEU A 66 -13.69 6.28 4.14
C LEU A 66 -14.17 7.34 5.11
N ASN A 67 -15.48 7.35 5.37
CA ASN A 67 -16.10 8.34 6.24
C ASN A 67 -17.01 7.78 7.35
N SER A 68 -16.69 6.58 7.83
CA SER A 68 -17.43 5.95 8.92
C SER A 68 -16.45 5.53 9.97
N ASN A 69 -16.88 5.60 11.22
CA ASN A 69 -16.10 5.16 12.36
C ASN A 69 -16.55 3.71 12.52
N THR A 70 -15.84 2.79 11.85
CA THR A 70 -16.16 1.35 11.90
C THR A 70 -16.00 0.88 13.32
N GLN A 71 -16.95 0.07 13.79
CA GLN A 71 -16.92 -0.50 15.13
C GLN A 71 -15.60 -1.30 15.28
N GLY A 72 -14.85 -1.02 16.33
CA GLY A 72 -13.58 -1.69 16.59
C GLY A 72 -12.38 -1.00 15.97
N GLU A 73 -12.61 0.12 15.24
CA GLU A 73 -11.48 0.82 14.64
C GLU A 73 -10.64 1.53 15.69
N MET A 74 -9.36 1.78 15.36
CA MET A 74 -8.40 2.43 16.25
CA MET A 74 -8.48 2.49 16.26
C MET A 74 -7.78 3.60 15.49
N LYS A 75 -7.74 4.78 16.11
CA LYS A 75 -7.17 5.99 15.51
C LYS A 75 -5.77 6.27 16.06
N PHE A 76 -4.82 6.64 15.17
CA PHE A 76 -3.45 6.89 15.62
C PHE A 76 -2.84 8.13 15.03
N GLU A 77 -1.78 8.60 15.70
CA GLU A 77 -0.96 9.67 15.20
C GLU A 77 0.33 9.03 14.79
N VAL A 78 1.16 9.78 14.07
CA VAL A 78 2.45 9.29 13.61
C VAL A 78 3.54 9.80 14.53
N GLU A 79 4.14 8.87 15.29
CA GLU A 79 5.23 9.09 16.24
C GLU A 79 6.54 9.33 15.50
N ASN A 80 6.71 8.62 14.40
CA ASN A 80 7.90 8.68 13.57
C ASN A 80 7.51 8.39 12.13
N LEU A 81 7.83 9.32 11.22
CA LEU A 81 7.61 9.14 9.79
C LEU A 81 8.98 8.93 9.15
N ILE A 82 9.22 7.71 8.67
CA ILE A 82 10.48 7.33 8.05
C ILE A 82 10.34 7.16 6.56
N LEU A 83 10.97 8.05 5.82
CA LEU A 83 10.99 8.04 4.38
C LEU A 83 12.30 7.43 3.92
N HIS A 84 12.28 6.68 2.83
CA HIS A 84 13.53 6.11 2.35
C HIS A 84 14.48 7.23 1.83
N LYS A 85 15.72 7.30 2.34
CA LYS A 85 16.69 8.31 1.94
CA LYS A 85 16.69 8.31 1.94
C LYS A 85 16.98 8.32 0.43
N ASP A 86 16.91 7.13 -0.24
CA ASP A 86 17.15 7.04 -1.69
C ASP A 86 15.89 7.07 -2.54
N TYR A 87 14.76 7.53 -1.97
CA TYR A 87 13.54 7.65 -2.75
C TYR A 87 13.75 8.67 -3.87
N SER A 88 13.23 8.35 -5.07
CA SER A 88 13.27 9.28 -6.20
C SER A 88 12.14 8.95 -7.18
N ALA A 89 11.77 9.94 -8.00
CA ALA A 89 10.69 9.77 -8.97
C ALA A 89 11.15 10.18 -10.33
N ASP A 90 10.93 9.32 -11.30
CA ASP A 90 11.18 9.60 -12.68
C ASP A 90 9.82 9.97 -13.28
N THR A 91 9.71 10.14 -14.62
CA THR A 91 8.44 10.44 -15.28
C THR A 91 7.35 9.44 -14.84
N LEU A 92 7.69 8.16 -14.76
CA LEU A 92 6.76 7.10 -14.40
C LEU A 92 7.20 6.38 -13.17
N ALA A 93 8.42 5.86 -13.19
CA ALA A 93 8.95 5.01 -12.13
C ALA A 93 9.30 5.77 -10.86
N HIS A 94 8.94 5.16 -9.72
CA HIS A 94 9.23 5.62 -8.38
C HIS A 94 10.22 4.61 -7.84
N HIS A 95 11.35 5.08 -7.31
CA HIS A 95 12.44 4.26 -6.78
C HIS A 95 12.44 4.33 -5.29
N ASN A 96 12.71 3.19 -4.63
CA ASN A 96 12.76 3.05 -3.16
C ASN A 96 11.47 3.61 -2.56
N ASP A 97 10.33 3.25 -3.17
CA ASP A 97 9.02 3.75 -2.79
C ASP A 97 8.46 3.00 -1.57
N ILE A 98 9.07 3.31 -0.44
CA ILE A 98 8.79 2.62 0.82
C ILE A 98 8.96 3.59 1.96
N ALA A 99 8.03 3.53 2.92
CA ALA A 99 7.99 4.39 4.09
C ALA A 99 7.48 3.59 5.27
N LEU A 100 7.94 3.96 6.46
CA LEU A 100 7.55 3.37 7.72
C LEU A 100 6.92 4.44 8.61
N LEU A 101 5.74 4.13 9.19
CA LEU A 101 5.06 5.06 10.08
C LEU A 101 4.94 4.43 11.46
N LYS A 102 5.63 4.99 12.46
CA LYS A 102 5.50 4.50 13.83
C LYS A 102 4.24 5.12 14.38
N ILE A 103 3.28 4.28 14.76
CA ILE A 103 1.95 4.72 15.22
C ILE A 103 1.78 4.79 16.72
N ARG A 104 0.94 5.73 17.19
CA ARG A 104 0.69 6.00 18.61
CA ARG A 104 0.65 5.91 18.61
C ARG A 104 -0.75 6.47 18.82
N SER A 105 -1.47 5.89 19.79
CA SER A 105 -2.81 6.37 20.09
C SER A 105 -2.58 7.59 20.99
N LYS A 106 -3.61 8.37 21.28
CA LYS A 106 -3.45 9.51 22.17
C LYS A 106 -2.90 9.15 23.58
N GLU A 107 -2.96 7.86 23.97
CA GLU A 107 -2.48 7.38 25.26
C GLU A 107 -1.06 6.88 25.18
N GLY A 108 -0.46 6.97 24.00
CA GLY A 108 0.91 6.52 23.76
C GLY A 108 1.04 5.04 23.46
N ARG A 109 -0.04 4.41 23.00
CA ARG A 109 -0.03 2.97 22.75
C ARG A 109 -0.03 2.60 21.29
N CYS A 110 0.48 1.41 21.00
CA CYS A 110 0.46 0.92 19.64
C CYS A 110 -0.82 0.13 19.43
N ALA A 111 -0.99 -0.44 18.22
CA ALA A 111 -2.19 -1.19 17.86
C ALA A 111 -2.48 -2.35 18.79
N GLN A 112 -3.76 -2.56 19.09
CA GLN A 112 -4.22 -3.69 19.89
C GLN A 112 -4.78 -4.72 18.90
N PRO A 113 -4.05 -5.82 18.61
CA PRO A 113 -4.58 -6.80 17.66
C PRO A 113 -5.94 -7.33 18.09
N SER A 114 -6.83 -7.48 17.12
CA SER A 114 -8.20 -7.95 17.33
C SER A 114 -8.63 -8.67 16.07
N ARG A 115 -9.94 -8.96 15.95
CA ARG A 115 -10.49 -9.66 14.79
C ARG A 115 -10.31 -8.80 13.53
N THR A 116 -10.39 -7.47 13.67
CA THR A 116 -10.31 -6.51 12.56
C THR A 116 -8.96 -5.77 12.46
N ILE A 117 -8.03 -6.03 13.40
CA ILE A 117 -6.69 -5.41 13.40
C ILE A 117 -5.66 -6.52 13.59
N GLN A 118 -4.94 -6.85 12.53
CA GLN A 118 -3.93 -7.90 12.54
C GLN A 118 -2.75 -7.46 11.71
N THR A 119 -1.58 -8.03 11.98
CA THR A 119 -0.40 -7.69 11.19
C THR A 119 -0.37 -8.61 9.94
N ILE A 120 0.43 -8.27 8.95
CA ILE A 120 0.65 -9.06 7.76
C ILE A 120 2.13 -9.44 7.79
N ALA A 121 2.43 -10.73 7.58
CA ALA A 121 3.81 -11.20 7.59
C ALA A 121 4.61 -10.61 6.42
N LEU A 122 5.87 -10.32 6.70
CA LEU A 122 6.82 -9.84 5.71
C LEU A 122 7.35 -11.03 4.91
N PRO A 123 7.79 -10.82 3.66
CA PRO A 123 8.37 -11.94 2.88
C PRO A 123 9.75 -12.32 3.39
N SER A 124 10.27 -13.45 2.90
CA SER A 124 11.63 -13.85 3.24
C SER A 124 12.49 -13.47 2.03
N MET A 125 13.83 -13.30 2.23
CA MET A 125 14.72 -12.89 1.15
C MET A 125 14.78 -13.92 0.00
N TYR A 126 14.85 -13.43 -1.27
CA TYR A 126 14.96 -14.26 -2.49
C TYR A 126 13.81 -15.27 -2.68
N ASN A 127 12.69 -15.02 -2.00
CA ASN A 127 11.54 -15.91 -2.03
C ASN A 127 10.24 -15.18 -2.39
N ASP A 128 10.14 -14.64 -3.60
CA ASP A 128 8.90 -14.01 -4.02
C ASP A 128 8.10 -14.99 -4.86
N PRO A 129 6.74 -14.85 -4.99
CA PRO A 129 6.00 -15.83 -5.80
C PRO A 129 6.45 -15.80 -7.26
N GLN A 130 6.24 -16.91 -7.98
CA GLN A 130 6.62 -16.96 -9.41
C GLN A 130 5.60 -16.15 -10.23
N PHE A 131 5.98 -15.72 -11.45
CA PHE A 131 5.05 -15.01 -12.34
C PHE A 131 3.79 -15.88 -12.63
N GLY A 132 2.64 -15.24 -12.76
CA GLY A 132 1.38 -15.95 -12.97
C GLY A 132 0.63 -16.20 -11.67
N THR A 133 1.30 -15.99 -10.51
CA THR A 133 0.69 -16.14 -9.17
C THR A 133 -0.37 -15.07 -8.98
N SER A 134 -1.53 -15.47 -8.49
CA SER A 134 -2.61 -14.55 -8.17
C SER A 134 -2.31 -13.91 -6.81
N CYS A 135 -2.43 -12.58 -6.74
CA CYS A 135 -2.26 -11.83 -5.50
C CYS A 135 -3.38 -10.83 -5.35
N GLU A 136 -3.63 -10.38 -4.11
CA GLU A 136 -4.70 -9.42 -3.91
C GLU A 136 -4.20 -8.05 -3.53
N ILE A 137 -4.98 -7.04 -3.93
CA ILE A 137 -4.73 -5.64 -3.58
C ILE A 137 -5.93 -5.09 -2.86
N THR A 138 -5.72 -4.13 -1.98
CA THR A 138 -6.76 -3.49 -1.20
C THR A 138 -6.51 -2.02 -1.20
N GLY A 139 -7.58 -1.23 -1.25
CA GLY A 139 -7.48 0.21 -1.15
C GLY A 139 -8.79 0.95 -1.30
N PHE A 140 -8.72 2.24 -0.99
CA PHE A 140 -9.82 3.21 -1.10
C PHE A 140 -9.61 4.09 -2.36
N GLY A 141 -8.73 3.63 -3.25
CA GLY A 141 -8.37 4.36 -4.47
C GLY A 141 -9.48 4.46 -5.49
N LYS A 142 -9.24 5.24 -6.55
CA LYS A 142 -10.22 5.48 -7.61
C LYS A 142 -10.79 4.22 -8.19
N GLU A 143 -12.09 4.25 -8.45
CA GLU A 143 -12.83 3.17 -9.11
C GLU A 143 -12.71 3.32 -10.63
N GLN A 144 -12.44 4.56 -11.10
CA GLN A 144 -12.23 4.90 -12.51
C GLN A 144 -11.21 6.04 -12.54
N SER A 145 -10.35 6.10 -13.57
CA SER A 145 -9.35 7.16 -13.66
C SER A 145 -10.02 8.53 -13.76
N THR A 146 -11.21 8.58 -14.41
CA THR A 146 -12.01 9.81 -14.58
C THR A 146 -12.67 10.28 -13.26
N ASP A 147 -12.72 9.43 -12.23
CA ASP A 147 -13.31 9.87 -10.94
C ASP A 147 -12.37 10.83 -10.21
N TYR A 148 -12.94 11.77 -9.41
CA TYR A 148 -12.13 12.64 -8.59
C TYR A 148 -12.40 12.27 -7.11
N LEU A 149 -13.51 11.54 -6.86
CA LEU A 149 -13.89 11.06 -5.53
C LEU A 149 -13.42 9.64 -5.41
N TYR A 150 -13.06 9.25 -4.18
CA TYR A 150 -12.70 7.88 -3.85
C TYR A 150 -13.92 7.11 -3.37
N PRO A 151 -13.99 5.77 -3.56
CA PRO A 151 -15.14 5.00 -3.04
C PRO A 151 -15.31 5.13 -1.53
N GLU A 152 -16.55 5.07 -1.07
CA GLU A 152 -16.83 5.18 0.37
C GLU A 152 -16.45 3.90 1.09
N GLN A 153 -16.65 2.77 0.41
CA GLN A 153 -16.39 1.44 0.93
C GLN A 153 -15.08 0.90 0.36
N LEU A 154 -14.33 0.24 1.22
CA LEU A 154 -13.06 -0.37 0.87
C LEU A 154 -13.23 -1.39 -0.24
N LYS A 155 -12.30 -1.42 -1.17
CA LYS A 155 -12.37 -2.39 -2.25
C LYS A 155 -11.15 -3.28 -2.24
N MET A 156 -11.26 -4.40 -2.92
CA MET A 156 -10.15 -5.30 -3.14
C MET A 156 -10.28 -5.84 -4.55
N THR A 157 -9.18 -6.34 -5.08
CA THR A 157 -9.16 -7.09 -6.33
C THR A 157 -8.09 -8.16 -6.31
N VAL A 158 -8.09 -9.01 -7.33
CA VAL A 158 -7.07 -10.04 -7.53
C VAL A 158 -6.41 -9.79 -8.87
N VAL A 159 -5.07 -9.74 -8.87
CA VAL A 159 -4.22 -9.52 -10.06
C VAL A 159 -3.18 -10.65 -10.15
N LYS A 160 -2.54 -10.80 -11.30
CA LYS A 160 -1.51 -11.86 -11.44
C LYS A 160 -0.16 -11.22 -11.59
N LEU A 161 0.87 -11.80 -10.95
CA LEU A 161 2.24 -11.30 -11.08
C LEU A 161 2.73 -11.50 -12.49
N ILE A 162 3.46 -10.50 -12.99
CA ILE A 162 4.06 -10.48 -14.32
C ILE A 162 5.57 -10.55 -14.13
N SER A 163 6.27 -11.39 -14.94
CA SER A 163 7.72 -11.50 -14.84
C SER A 163 8.41 -10.16 -15.18
N HIS A 164 9.65 -9.98 -14.70
CA HIS A 164 10.47 -8.81 -15.01
C HIS A 164 10.71 -8.69 -16.53
N ARG A 165 11.07 -9.79 -17.21
CA ARG A 165 11.30 -9.76 -18.65
C ARG A 165 10.07 -9.32 -19.48
N GLU A 166 8.85 -9.72 -19.07
CA GLU A 166 7.63 -9.30 -19.77
C GLU A 166 7.36 -7.82 -19.44
N CYS A 167 7.62 -7.44 -18.19
CA CYS A 167 7.39 -6.06 -17.83
C CYS A 167 8.35 -5.05 -18.44
N GLN A 168 9.52 -5.54 -18.92
CA GLN A 168 10.55 -4.76 -19.61
C GLN A 168 10.36 -4.76 -21.12
N GLN A 169 9.26 -5.33 -21.62
CA GLN A 169 8.98 -5.31 -23.05
C GLN A 169 8.77 -3.85 -23.46
N PRO A 170 9.08 -3.46 -24.72
CA PRO A 170 8.94 -2.05 -25.11
C PRO A 170 7.53 -1.49 -24.96
N HIS A 171 6.47 -2.26 -25.27
CA HIS A 171 5.08 -1.82 -25.13
C HIS A 171 4.64 -1.77 -23.66
N TYR A 172 5.37 -2.44 -22.76
CA TYR A 172 5.11 -2.41 -21.30
C TYR A 172 5.88 -1.23 -20.71
N TYR A 173 6.91 -1.47 -19.88
CA TYR A 173 7.67 -0.35 -19.33
C TYR A 173 9.13 -0.25 -19.75
N GLY A 174 9.60 -1.14 -20.62
CA GLY A 174 11.01 -1.12 -21.06
C GLY A 174 11.96 -1.18 -19.87
N SER A 175 13.05 -0.41 -19.92
CA SER A 175 14.02 -0.39 -18.82
C SER A 175 13.60 0.47 -17.63
N GLU A 176 12.41 1.13 -17.68
CA GLU A 176 11.92 1.97 -16.56
C GLU A 176 11.52 1.14 -15.34
N VAL A 177 11.11 -0.13 -15.55
CA VAL A 177 10.78 -1.03 -14.45
C VAL A 177 12.06 -1.80 -14.09
N THR A 178 12.44 -1.82 -12.79
CA THR A 178 13.69 -2.45 -12.36
C THR A 178 13.43 -3.77 -11.64
N THR A 179 14.51 -4.48 -11.25
CA THR A 179 14.42 -5.74 -10.51
C THR A 179 13.96 -5.50 -9.07
N LYS A 180 13.95 -4.22 -8.60
CA LYS A 180 13.49 -3.87 -7.24
C LYS A 180 11.97 -3.61 -7.21
N MET A 181 11.31 -3.83 -8.37
CA MET A 181 9.90 -3.58 -8.61
C MET A 181 9.21 -4.81 -9.15
N LEU A 182 7.95 -4.99 -8.76
CA LEU A 182 7.14 -6.13 -9.21
CA LEU A 182 7.16 -6.12 -9.21
C LEU A 182 5.95 -5.64 -10.01
N CYS A 183 5.72 -6.24 -11.17
CA CYS A 183 4.55 -5.89 -11.98
C CYS A 183 3.46 -6.91 -11.71
N ALA A 184 2.23 -6.44 -11.66
CA ALA A 184 1.08 -7.30 -11.48
C ALA A 184 -0.06 -6.66 -12.19
N ALA A 185 -0.87 -7.47 -12.89
CA ALA A 185 -1.99 -6.96 -13.65
C ALA A 185 -3.04 -8.02 -13.94
N ASP A 186 -4.16 -7.58 -14.51
CA ASP A 186 -5.23 -8.47 -14.94
C ASP A 186 -4.89 -8.90 -16.38
N PRO A 187 -4.82 -10.22 -16.76
CA PRO A 187 -4.59 -10.57 -18.17
C PRO A 187 -5.57 -9.91 -19.15
N GLN A 188 -6.80 -9.58 -18.70
CA GLN A 188 -7.83 -8.88 -19.48
C GLN A 188 -7.82 -7.36 -19.29
N TRP A 189 -6.87 -6.80 -18.49
CA TRP A 189 -6.74 -5.34 -18.26
C TRP A 189 -8.04 -4.66 -17.78
N LYS A 190 -8.87 -5.37 -17.00
CA LYS A 190 -10.15 -4.80 -16.49
C LYS A 190 -10.09 -4.40 -15.03
N THR A 191 -9.15 -4.96 -14.28
CA THR A 191 -8.99 -4.67 -12.86
C THR A 191 -7.55 -4.24 -12.56
N ASP A 192 -7.38 -3.32 -11.62
CA ASP A 192 -6.05 -2.80 -11.27
C ASP A 192 -6.12 -1.93 -10.03
N SER A 193 -4.98 -1.53 -9.52
CA SER A 193 -4.92 -0.50 -8.48
C SER A 193 -4.94 0.84 -9.23
N CYS A 194 -5.20 1.93 -8.52
CA CYS A 194 -5.26 3.23 -9.15
C CYS A 194 -4.89 4.29 -8.14
N GLN A 195 -4.97 5.56 -8.55
CA GLN A 195 -4.63 6.67 -7.68
C GLN A 195 -5.46 6.58 -6.40
N GLY A 196 -4.74 6.66 -5.29
CA GLY A 196 -5.34 6.56 -3.96
C GLY A 196 -5.08 5.20 -3.35
N ASP A 197 -4.65 4.23 -4.17
CA ASP A 197 -4.31 2.89 -3.70
C ASP A 197 -2.85 2.78 -3.29
N SER A 198 -2.03 3.81 -3.64
CA SER A 198 -0.60 3.81 -3.34
C SER A 198 -0.33 3.57 -1.88
N GLY A 199 0.79 2.92 -1.58
CA GLY A 199 1.15 2.62 -0.20
C GLY A 199 0.50 1.38 0.36
N GLY A 200 -0.61 0.98 -0.26
CA GLY A 200 -1.38 -0.20 0.10
C GLY A 200 -0.74 -1.54 -0.21
N PRO A 201 -1.35 -2.61 0.34
CA PRO A 201 -0.75 -3.96 0.17
C PRO A 201 -0.99 -4.73 -1.12
N LEU A 202 0.04 -5.47 -1.56
CA LEU A 202 -0.04 -6.49 -2.57
C LEU A 202 0.27 -7.75 -1.76
N VAL A 203 -0.77 -8.50 -1.40
CA VAL A 203 -0.67 -9.68 -0.56
C VAL A 203 -0.70 -10.96 -1.40
N CYS A 204 0.34 -11.79 -1.26
CA CYS A 204 0.41 -13.05 -1.99
C CYS A 204 0.39 -14.19 -1.03
N SER A 205 -0.38 -15.23 -1.34
CA SER A 205 -0.34 -16.44 -0.53
C SER A 205 0.83 -17.24 -1.10
N LEU A 206 1.86 -17.46 -0.30
CA LEU A 206 3.02 -18.18 -0.79
C LEU A 206 3.40 -19.25 0.21
N GLN A 207 3.36 -20.51 -0.25
CA GLN A 207 3.67 -21.70 0.54
C GLN A 207 2.73 -21.80 1.73
N GLY A 208 1.44 -21.48 1.48
CA GLY A 208 0.37 -21.45 2.47
C GLY A 208 0.38 -20.25 3.39
N ARG A 209 1.37 -19.34 3.22
CA ARG A 209 1.51 -18.18 4.08
C ARG A 209 1.18 -16.87 3.36
N MET A 210 0.25 -16.12 3.96
CA MET A 210 -0.24 -14.83 3.53
C MET A 210 0.94 -13.82 3.73
N THR A 211 1.44 -13.28 2.63
CA THR A 211 2.65 -12.43 2.67
C THR A 211 2.48 -11.04 2.06
N LEU A 212 3.16 -10.03 2.65
CA LEU A 212 3.19 -8.68 2.10
C LEU A 212 4.28 -8.63 1.02
N THR A 213 3.90 -9.06 -0.18
CA THR A 213 4.86 -9.17 -1.28
C THR A 213 5.22 -7.81 -1.89
N GLY A 214 4.25 -6.92 -1.97
CA GLY A 214 4.48 -5.63 -2.57
C GLY A 214 3.73 -4.51 -1.92
N ILE A 215 4.03 -3.29 -2.36
CA ILE A 215 3.42 -2.04 -1.89
C ILE A 215 3.05 -1.30 -3.16
N VAL A 216 1.77 -0.93 -3.30
CA VAL A 216 1.29 -0.18 -4.48
C VAL A 216 2.19 1.05 -4.68
N SER A 217 2.83 1.13 -5.85
CA SER A 217 3.77 2.23 -6.12
C SER A 217 3.41 3.07 -7.33
N TRP A 218 3.42 2.50 -8.55
CA TRP A 218 3.19 3.32 -9.75
C TRP A 218 2.62 2.54 -10.91
N GLY A 219 2.17 3.26 -11.91
CA GLY A 219 1.65 2.68 -13.13
C GLY A 219 1.25 3.74 -14.13
N ARG A 220 1.22 3.39 -15.41
CA ARG A 220 0.79 4.29 -16.47
C ARG A 220 -0.74 4.15 -16.55
N GLY A 221 -1.44 5.17 -16.08
CA GLY A 221 -2.90 5.16 -16.04
C GLY A 221 -3.34 4.07 -15.10
N CYS A 222 -4.59 3.60 -15.26
CA CYS A 222 -5.14 2.52 -14.43
C CYS A 222 -5.88 1.51 -15.30
N ALA A 223 -5.55 0.21 -15.18
CA ALA A 223 -6.13 -0.87 -15.94
C ALA A 223 -5.99 -0.63 -17.46
N LEU A 224 -4.84 -0.03 -17.86
CA LEU A 224 -4.52 0.21 -19.27
C LEU A 224 -3.81 -1.02 -19.82
N LYS A 225 -4.12 -1.37 -21.08
CA LYS A 225 -3.53 -2.50 -21.78
C LYS A 225 -2.00 -2.36 -21.83
N ASP A 226 -1.28 -3.42 -21.42
CA ASP A 226 0.19 -3.48 -21.41
C ASP A 226 0.82 -2.54 -20.45
N LYS A 227 0.03 -2.03 -19.47
CA LYS A 227 0.51 -1.10 -18.44
C LYS A 227 0.19 -1.65 -17.05
N PRO A 228 0.97 -2.65 -16.59
CA PRO A 228 0.70 -3.24 -15.26
C PRO A 228 0.88 -2.24 -14.11
N GLY A 229 0.32 -2.58 -12.98
CA GLY A 229 0.56 -1.84 -11.75
C GLY A 229 1.97 -2.24 -11.34
N VAL A 230 2.76 -1.28 -10.84
CA VAL A 230 4.13 -1.56 -10.39
C VAL A 230 4.18 -1.41 -8.87
N TYR A 231 4.83 -2.37 -8.22
CA TYR A 231 4.84 -2.47 -6.78
C TYR A 231 6.24 -2.54 -6.27
N THR A 232 6.49 -1.95 -5.10
CA THR A 232 7.76 -2.06 -4.42
C THR A 232 7.93 -3.54 -4.01
N ARG A 233 9.05 -4.17 -4.40
CA ARG A 233 9.33 -5.55 -4.02
C ARG A 233 9.86 -5.53 -2.59
N VAL A 234 8.97 -5.82 -1.63
CA VAL A 234 9.22 -5.76 -0.19
C VAL A 234 10.43 -6.62 0.24
N SER A 235 10.61 -7.82 -0.41
CA SER A 235 11.74 -8.72 -0.12
C SER A 235 13.10 -8.03 -0.31
N HIS A 236 13.21 -7.03 -1.17
CA HIS A 236 14.48 -6.33 -1.35
C HIS A 236 14.80 -5.43 -0.16
N PHE A 237 13.77 -4.97 0.54
CA PHE A 237 13.86 -3.99 1.61
C PHE A 237 13.89 -4.52 3.03
N LEU A 238 13.99 -5.86 3.20
CA LEU A 238 14.07 -6.47 4.53
C LEU A 238 15.21 -5.89 5.36
N PRO A 239 16.46 -5.67 4.86
CA PRO A 239 17.48 -5.01 5.72
C PRO A 239 17.06 -3.60 6.15
N TRP A 240 16.49 -2.81 5.20
CA TRP A 240 16.05 -1.43 5.47
C TRP A 240 14.92 -1.40 6.50
N ILE A 241 13.94 -2.31 6.38
CA ILE A 241 12.78 -2.39 7.31
C ILE A 241 13.26 -2.76 8.70
N ARG A 242 14.12 -3.79 8.79
CA ARG A 242 14.69 -4.27 10.05
C ARG A 242 15.46 -3.15 10.76
N SER A 243 16.40 -2.48 10.06
CA SER A 243 17.22 -1.42 10.63
CA SER A 243 17.22 -1.41 10.61
C SER A 243 16.37 -0.22 11.10
N HIS A 244 15.34 0.15 10.32
CA HIS A 244 14.48 1.28 10.66
C HIS A 244 13.36 1.02 11.68
N THR A 245 13.11 -0.25 12.04
CA THR A 245 12.10 -0.62 13.05
C THR A 245 12.75 -1.01 14.40
N LYS A 246 14.09 -1.19 14.41
CA LYS A 246 14.85 -1.52 15.63
C LYS A 246 14.95 -0.33 16.59
O 1U9 B . -4.03 13.82 -5.66
C16 1U9 B . -2.78 14.40 -5.34
C15 1U9 B . -1.91 14.34 -6.65
C14 1U9 B . -1.04 13.11 -6.61
C13 1U9 B . 0.07 13.07 -5.75
C12 1U9 B . 0.89 11.95 -5.74
C11 1U9 B . 0.61 10.85 -6.57
C17 1U9 B . -1.33 12.01 -7.47
C10 1U9 B . -0.51 10.86 -7.45
C9 1U9 B . -0.97 9.69 -8.21
C8 1U9 B . -0.57 8.41 -8.01
C7 1U9 B . -0.96 7.21 -8.79
C6 1U9 B . -0.51 5.96 -8.38
C18 1U9 B . -1.72 7.32 -10.05
C19 1U9 B . -1.98 6.19 -10.80
C20 1U9 B . -1.53 4.89 -10.33
C5 1U9 B . -0.81 4.79 -9.11
C4 1U9 B . -0.36 3.49 -8.64
C3 1U9 B . -0.60 2.36 -9.39
C21 1U9 B . -1.80 3.70 -11.08
C2 1U9 B . -1.35 2.48 -10.65
C1 1U9 B . -1.69 1.21 -11.40
N2 1U9 B . -1.84 1.22 -12.79
N1 1U9 B . -1.75 0.19 -10.68
H16 1U9 B . -4.02 12.89 -5.32
H14 1U9 B . -2.90 15.43 -5.03
H15 1U9 B . -2.31 13.88 -4.51
H13 1U9 B . -2.56 14.34 -7.53
H12 1U9 B . -1.31 15.23 -6.75
H11 1U9 B . 0.29 13.90 -5.07
H10 1U9 B . 1.76 11.92 -5.08
H9 1U9 B . 1.29 10.00 -6.54
H17 1U9 B . -2.18 12.07 -8.14
H8 1U9 B . -1.70 9.92 -8.99
H7 1U9 B . 0.13 8.19 -7.19
H6 1U9 B . 0.14 5.87 -7.51
H18 1U9 B . -2.07 8.28 -10.40
H19 1U9 B . -2.53 6.26 -11.74
H5 1U9 B . 0.17 3.41 -7.69
H4 1U9 B . -0.21 1.40 -9.07
H20 1U9 B . -2.41 3.79 -11.99
H3 1U9 B . -2.07 0.37 -13.30
H2 1U9 B . -1.71 2.06 -13.34
H1 1U9 B . -1.91 -0.69 -11.16
C1 SIN C . -1.72 8.01 -4.55
O1 SIN C . -2.14 7.04 -5.12
O2 SIN C . -0.42 8.27 -4.65
C2 SIN C . -2.61 8.95 -3.73
C3 SIN C . -2.15 10.40 -3.98
C4 SIN C . -1.00 10.81 -3.01
O3 SIN C . -1.16 11.96 -2.32
O4 SIN C . 0.03 10.13 -2.86
S SO4 D . 16.01 1.08 -8.65
O1 SO4 D . 14.59 1.43 -8.37
O2 SO4 D . 16.41 1.81 -9.81
O3 SO4 D . 16.07 -0.36 -8.86
O4 SO4 D . 16.91 1.44 -7.51
S SO4 E . 17.59 -8.72 -3.37
O1 SO4 E . 16.53 -9.59 -2.85
O2 SO4 E . 17.00 -7.61 -4.11
O3 SO4 E . 18.40 -8.22 -2.24
O4 SO4 E . 18.46 -9.46 -4.29
C ACT F . 12.18 8.69 -18.80
O ACT F . 11.41 9.69 -18.79
OXT ACT F . 13.04 8.55 -17.92
CH3 ACT F . 12.05 7.71 -19.94
C ACT G . 17.55 -3.14 -12.78
O ACT G . 16.93 -3.20 -13.84
OXT ACT G . 17.16 -3.73 -11.80
CH3 ACT G . 18.75 -2.28 -12.62
C1 GOL H . -10.48 11.09 9.42
O1 GOL H . -10.11 11.52 10.73
C2 GOL H . -11.97 11.33 9.24
O2 GOL H . -12.69 10.28 9.90
C3 GOL H . -12.30 11.25 7.76
O3 GOL H . -13.72 11.37 7.65
C1 GOL I . -1.73 22.18 3.90
O1 GOL I . -2.54 22.41 5.05
C2 GOL I . -2.49 22.42 2.60
O2 GOL I . -3.90 22.26 2.80
C3 GOL I . -2.10 21.36 1.62
O3 GOL I . -3.11 21.25 0.61
C1 GOL J . -10.01 12.15 -2.20
O1 GOL J . -10.70 11.31 -1.23
C2 GOL J . -8.53 12.17 -1.75
O2 GOL J . -8.35 12.74 -0.46
C3 GOL J . -7.57 12.74 -2.78
O3 GOL J . -6.23 12.62 -2.24
#